data_4X5Q
#
_entry.id   4X5Q
#
_cell.length_a   48.460
_cell.length_b   56.160
_cell.length_c   61.540
_cell.angle_alpha   90.00
_cell.angle_beta   90.00
_cell.angle_gamma   90.00
#
_symmetry.space_group_name_H-M   'P 21 21 21'
#
loop_
_entity.id
_entity.type
_entity.pdbx_description
1 polymer 'Protein FimH'
2 non-polymer '4-(5-nitro-1H-indol-1-yl)phenyl alpha-D-mannopyranoside'
3 water water
#
_entity_poly.entity_id   1
_entity_poly.type   'polypeptide(L)'
_entity_poly.pdbx_seq_one_letter_code
;FACKTANGTAIPIGGGSANVYVNLAPVVNVGQNLVVDLSTQIFCHNDYPETITDYVTLQRGSAYGGVLSNFSGTVKYSGS
SYPFPTTSETPRVVYNSRTDKPWPVALYLTPVSSAGGVAIKAGSLIAVLILRQTNNYNSDDFQFVWNIYANNDVVVPTGL
;
_entity_poly.pdbx_strand_id   A
#
loop_
_chem_comp.id
_chem_comp.type
_chem_comp.name
_chem_comp.formula
3XN non-polymer '4-(5-nitro-1H-indol-1-yl)phenyl alpha-D-mannopyranoside' 'C20 H20 N2 O8'
#
# COMPACT_ATOMS: atom_id res chain seq x y z
N PHE A 1 -2.38 -1.07 18.50
CA PHE A 1 -2.18 -0.63 17.09
C PHE A 1 -3.28 -1.25 16.23
N ALA A 2 -3.97 -0.40 15.47
CA ALA A 2 -5.01 -0.86 14.56
C ALA A 2 -5.12 0.14 13.43
N CYS A 3 -5.82 -0.26 12.37
CA CYS A 3 -5.89 0.53 11.14
C CYS A 3 -7.32 0.54 10.60
N LYS A 4 -7.55 1.50 9.73
CA LYS A 4 -8.84 1.67 9.09
C LYS A 4 -8.64 2.20 7.68
N THR A 5 -9.71 2.11 6.88
CA THR A 5 -9.62 2.45 5.48
C THR A 5 -10.61 3.55 5.11
N ALA A 6 -10.36 4.13 3.94
CA ALA A 6 -11.27 5.09 3.35
C ALA A 6 -12.56 4.47 2.83
N ASN A 7 -12.67 3.15 2.86
CA ASN A 7 -13.93 2.52 2.50
C ASN A 7 -14.70 2.07 3.70
N GLY A 8 -14.30 2.52 4.87
CA GLY A 8 -15.08 2.27 6.07
C GLY A 8 -14.84 0.93 6.75
N THR A 9 -13.83 0.20 6.37
CA THR A 9 -13.48 -1.05 7.02
C THR A 9 -12.24 -0.87 7.86
N ALA A 10 -11.93 -1.91 8.62
CA ALA A 10 -10.93 -1.84 9.66
C ALA A 10 -10.15 -3.13 9.70
N ILE A 11 -8.99 -3.06 10.34
CA ILE A 11 -8.29 -4.25 10.79
C ILE A 11 -7.88 -3.97 12.24
N PRO A 12 -8.31 -4.83 13.20
CA PRO A 12 -8.06 -4.57 14.62
C PRO A 12 -6.66 -4.96 15.04
N ILE A 13 -6.41 -4.75 16.33
CA ILE A 13 -5.24 -5.29 17.00
C ILE A 13 -5.03 -6.72 16.56
N GLY A 14 -3.78 -7.05 16.24
CA GLY A 14 -3.42 -8.39 15.86
C GLY A 14 -3.34 -8.62 14.38
N GLY A 15 -3.79 -7.66 13.58
CA GLY A 15 -3.70 -7.79 12.14
C GLY A 15 -4.85 -8.56 11.54
N GLY A 16 -4.69 -8.85 10.26
CA GLY A 16 -5.77 -9.38 9.45
C GLY A 16 -5.69 -8.79 8.07
N SER A 17 -6.80 -8.76 7.34
N SER A 17 -6.82 -8.76 7.38
N SER A 17 -6.81 -8.76 7.36
CA SER A 17 -6.78 -8.29 5.96
CA SER A 17 -6.89 -8.28 6.01
CA SER A 17 -6.85 -8.35 5.96
C SER A 17 -8.01 -7.45 5.67
C SER A 17 -7.98 -7.26 5.82
C SER A 17 -8.00 -7.37 5.74
N ALA A 18 -7.83 -6.51 4.73
CA ALA A 18 -8.89 -5.61 4.31
C ALA A 18 -8.71 -5.33 2.82
N ASN A 19 -9.79 -4.89 2.21
CA ASN A 19 -9.80 -4.43 0.82
C ASN A 19 -9.83 -2.91 0.75
N VAL A 20 -9.13 -2.39 -0.24
CA VAL A 20 -9.02 -0.96 -0.50
C VAL A 20 -9.35 -0.75 -1.96
N TYR A 21 -10.15 0.29 -2.23
CA TYR A 21 -10.64 0.60 -3.59
C TYR A 21 -10.16 1.96 -3.99
N VAL A 22 -9.37 2.01 -5.03
CA VAL A 22 -8.71 3.23 -5.39
C VAL A 22 -9.16 3.78 -6.72
N ASN A 23 -9.42 5.08 -6.74
CA ASN A 23 -9.64 5.76 -7.99
C ASN A 23 -8.30 6.04 -8.64
N LEU A 24 -8.19 5.69 -9.91
CA LEU A 24 -6.93 5.82 -10.65
C LEU A 24 -7.10 6.80 -11.80
N ALA A 25 -6.02 7.48 -12.16
CA ALA A 25 -6.05 8.34 -13.34
C ALA A 25 -6.57 7.51 -14.51
N PRO A 26 -7.49 8.07 -15.32
CA PRO A 26 -8.06 7.24 -16.39
C PRO A 26 -7.11 7.02 -17.56
N VAL A 27 -6.12 7.89 -17.72
CA VAL A 27 -5.15 7.81 -18.81
C VAL A 27 -3.76 7.95 -18.25
N VAL A 28 -2.86 7.05 -18.66
N VAL A 28 -2.87 7.02 -18.60
CA VAL A 28 -1.45 7.16 -18.33
CA VAL A 28 -1.45 7.19 -18.27
C VAL A 28 -0.66 6.88 -19.58
C VAL A 28 -0.66 6.81 -19.51
N ASN A 29 0.26 7.79 -19.90
N ASN A 29 0.20 7.70 -19.96
CA ASN A 29 1.07 7.68 -21.11
CA ASN A 29 1.00 7.43 -21.14
C ASN A 29 2.32 6.85 -20.88
C ASN A 29 2.26 6.71 -20.85
N VAL A 30 2.80 6.14 -21.90
CA VAL A 30 4.15 5.59 -21.83
C VAL A 30 5.09 6.72 -21.42
N GLY A 31 6.06 6.39 -20.59
CA GLY A 31 7.01 7.37 -20.11
C GLY A 31 6.52 8.20 -18.95
N GLN A 32 5.32 7.94 -18.45
CA GLN A 32 4.77 8.68 -17.34
C GLN A 32 4.36 7.72 -16.24
N ASN A 33 4.10 8.25 -15.06
CA ASN A 33 3.71 7.43 -13.90
C ASN A 33 2.25 7.56 -13.54
N LEU A 34 1.65 6.42 -13.31
CA LEU A 34 0.37 6.27 -12.62
C LEU A 34 0.67 6.24 -11.15
N VAL A 35 0.07 7.18 -10.41
CA VAL A 35 0.30 7.28 -8.97
C VAL A 35 -0.84 6.61 -8.23
N VAL A 36 -0.50 5.67 -7.36
CA VAL A 36 -1.47 5.02 -6.51
C VAL A 36 -1.12 5.36 -5.08
N ASP A 37 -1.76 6.40 -4.53
CA ASP A 37 -1.38 6.91 -3.22
C ASP A 37 -2.24 6.25 -2.15
N LEU A 38 -1.63 5.40 -1.33
CA LEU A 38 -2.36 4.73 -0.28
C LEU A 38 -2.46 5.56 0.99
N SER A 39 -1.78 6.70 1.04
CA SER A 39 -1.85 7.54 2.22
C SER A 39 -3.22 8.21 2.39
N THR A 40 -4.03 8.21 1.34
CA THR A 40 -5.42 8.68 1.41
C THR A 40 -6.40 7.51 1.59
N GLN A 41 -5.88 6.30 1.81
CA GLN A 41 -6.67 5.08 1.88
C GLN A 41 -6.55 4.35 3.19
N ILE A 42 -5.36 4.35 3.79
CA ILE A 42 -5.03 3.46 4.92
C ILE A 42 -4.48 4.37 6.03
N PHE A 43 -5.04 4.23 7.23
CA PHE A 43 -4.71 5.05 8.37
C PHE A 43 -4.56 4.15 9.57
N CYS A 44 -3.58 4.42 10.42
CA CYS A 44 -3.36 3.60 11.60
C CYS A 44 -3.07 4.46 12.81
N HIS A 45 -3.10 3.85 13.99
CA HIS A 45 -2.74 4.59 15.21
C HIS A 45 -2.19 3.61 16.22
N ASN A 46 -1.52 4.19 17.22
CA ASN A 46 -0.96 3.50 18.39
C ASN A 46 -1.98 3.59 19.53
N ASP A 47 -2.30 2.44 20.14
CA ASP A 47 -3.31 2.38 21.19
C ASP A 47 -2.82 2.68 22.59
N TYR A 48 -1.51 2.81 22.80
CA TYR A 48 -1.03 3.15 24.13
C TYR A 48 0.30 3.88 24.02
N PRO A 49 0.26 5.10 23.45
CA PRO A 49 1.52 5.78 23.12
C PRO A 49 2.23 6.34 24.34
N GLU A 50 1.55 6.34 25.49
CA GLU A 50 2.14 6.77 26.74
C GLU A 50 3.38 5.98 27.05
N THR A 51 3.35 4.69 26.74
CA THR A 51 4.46 3.79 27.05
C THR A 51 5.00 2.98 25.88
N ILE A 52 4.23 2.82 24.82
CA ILE A 52 4.63 1.95 23.74
C ILE A 52 4.91 2.75 22.49
N THR A 53 5.99 2.37 21.80
CA THR A 53 6.26 2.89 20.46
C THR A 53 6.02 1.77 19.45
N ASP A 54 5.21 2.03 18.43
CA ASP A 54 4.93 1.08 17.35
C ASP A 54 5.82 1.36 16.16
N TYR A 55 6.25 0.27 15.52
CA TYR A 55 7.13 0.31 14.35
C TYR A 55 6.40 -0.38 13.21
N VAL A 56 6.40 0.26 12.03
CA VAL A 56 5.59 -0.18 10.92
C VAL A 56 6.40 -0.17 9.64
N THR A 57 6.46 -1.30 8.97
CA THR A 57 7.16 -1.42 7.68
C THR A 57 6.19 -1.85 6.59
N LEU A 58 6.60 -1.64 5.35
CA LEU A 58 6.05 -2.37 4.22
C LEU A 58 6.91 -3.63 4.09
N GLN A 59 6.33 -4.76 4.45
N GLN A 59 6.37 -4.75 4.54
CA GLN A 59 7.03 -6.04 4.43
CA GLN A 59 7.10 -6.01 4.50
C GLN A 59 7.20 -6.58 3.00
C GLN A 59 7.19 -6.51 3.07
N ARG A 60 6.11 -6.59 2.24
N ARG A 60 6.14 -6.28 2.30
CA ARG A 60 6.16 -7.01 0.83
CA ARG A 60 6.03 -6.89 0.99
C ARG A 60 5.00 -6.36 0.10
C ARG A 60 5.00 -6.16 0.17
N GLY A 61 5.30 -5.94 -1.11
CA GLY A 61 4.32 -5.44 -2.06
C GLY A 61 4.39 -6.27 -3.32
N SER A 62 3.24 -6.80 -3.72
CA SER A 62 3.11 -7.69 -4.87
C SER A 62 2.15 -7.08 -5.87
N ALA A 63 2.40 -7.30 -7.15
CA ALA A 63 1.58 -6.81 -8.24
C ALA A 63 0.67 -7.91 -8.78
N TYR A 64 -0.51 -7.51 -9.27
CA TYR A 64 -1.48 -8.42 -9.86
C TYR A 64 -2.09 -7.83 -11.10
N GLY A 65 -2.71 -8.70 -11.88
CA GLY A 65 -3.54 -8.29 -12.99
C GLY A 65 -2.81 -7.41 -13.96
N GLY A 66 -3.45 -6.31 -14.34
CA GLY A 66 -2.86 -5.41 -15.31
C GLY A 66 -1.63 -4.69 -14.83
N VAL A 67 -1.49 -4.48 -13.54
CA VAL A 67 -0.24 -3.91 -13.04
C VAL A 67 0.90 -4.89 -13.25
N LEU A 68 0.68 -6.14 -12.89
CA LEU A 68 1.69 -7.17 -13.08
C LEU A 68 2.07 -7.32 -14.56
N SER A 69 1.09 -7.29 -15.45
CA SER A 69 1.40 -7.54 -16.83
C SER A 69 1.89 -6.32 -17.60
N ASN A 70 1.45 -5.12 -17.24
CA ASN A 70 1.61 -3.96 -18.10
C ASN A 70 2.42 -2.82 -17.53
N PHE A 71 2.87 -2.91 -16.29
CA PHE A 71 3.57 -1.81 -15.64
C PHE A 71 4.85 -2.28 -14.97
N SER A 72 5.76 -1.32 -14.77
CA SER A 72 6.88 -1.47 -13.85
C SER A 72 6.89 -0.24 -12.94
N GLY A 73 7.75 -0.19 -11.93
CA GLY A 73 8.00 1.03 -11.20
C GLY A 73 8.47 0.84 -9.78
N THR A 74 8.02 1.74 -8.92
CA THR A 74 8.56 1.88 -7.60
C THR A 74 7.45 2.05 -6.59
N VAL A 75 7.82 1.81 -5.33
CA VAL A 75 7.01 2.18 -4.20
C VAL A 75 7.78 3.18 -3.37
N LYS A 76 7.11 4.26 -3.00
CA LYS A 76 7.67 5.28 -2.13
C LYS A 76 7.11 5.04 -0.74
N TYR A 77 7.99 4.82 0.23
CA TYR A 77 7.61 4.58 1.60
C TYR A 77 8.28 5.60 2.46
N SER A 78 7.50 6.50 3.05
CA SER A 78 8.03 7.52 3.95
C SER A 78 9.24 8.24 3.34
N GLY A 79 9.12 8.68 2.11
CA GLY A 79 10.15 9.55 1.53
C GLY A 79 11.26 8.89 0.76
N SER A 80 11.36 7.57 0.77
CA SER A 80 12.38 6.85 0.00
C SER A 80 11.67 5.87 -0.92
N SER A 81 12.27 5.63 -2.09
CA SER A 81 11.66 4.75 -3.07
C SER A 81 12.46 3.48 -3.25
N TYR A 82 11.73 2.44 -3.60
CA TYR A 82 12.24 1.09 -3.74
C TYR A 82 11.57 0.45 -4.95
N PRO A 83 12.17 -0.60 -5.51
CA PRO A 83 11.46 -1.28 -6.61
C PRO A 83 10.13 -1.86 -6.16
N PHE A 84 9.18 -1.87 -7.08
CA PHE A 84 7.89 -2.52 -6.91
C PHE A 84 7.60 -3.36 -8.14
N PRO A 85 7.25 -4.66 -7.99
CA PRO A 85 7.11 -5.44 -6.77
C PRO A 85 8.38 -5.42 -5.93
N THR A 86 8.18 -5.54 -4.62
CA THR A 86 9.27 -5.34 -3.70
C THR A 86 10.23 -6.51 -3.63
N THR A 87 11.45 -6.18 -3.22
CA THR A 87 12.51 -7.18 -3.10
C THR A 87 13.18 -7.20 -1.73
N SER A 88 12.68 -6.42 -0.78
CA SER A 88 13.13 -6.42 0.60
C SER A 88 12.04 -5.77 1.43
N GLU A 89 12.19 -5.80 2.75
CA GLU A 89 11.35 -5.09 3.67
C GLU A 89 11.90 -3.68 3.85
N THR A 90 11.01 -2.69 3.92
CA THR A 90 11.43 -1.31 4.09
C THR A 90 11.91 -1.05 5.52
N PRO A 91 12.56 0.11 5.73
CA PRO A 91 12.73 0.64 7.08
C PRO A 91 11.39 0.89 7.76
N ARG A 92 11.45 1.13 9.06
N ARG A 92 11.45 1.10 9.08
CA ARG A 92 10.25 1.39 9.80
CA ARG A 92 10.28 1.35 9.93
C ARG A 92 9.84 2.86 9.77
C ARG A 92 9.88 2.81 10.03
N VAL A 93 8.57 3.03 10.05
CA VAL A 93 7.95 4.29 10.41
C VAL A 93 7.43 4.16 11.83
N VAL A 94 7.64 5.17 12.66
CA VAL A 94 7.15 5.17 14.03
C VAL A 94 5.72 5.68 14.09
N TYR A 95 4.88 4.98 14.84
CA TYR A 95 3.53 5.43 15.21
C TYR A 95 3.56 5.63 16.72
N ASN A 96 3.31 6.88 17.14
CA ASN A 96 3.51 7.30 18.52
C ASN A 96 2.36 8.19 19.02
N SER A 97 1.19 8.04 18.42
CA SER A 97 0.02 8.82 18.77
C SER A 97 -1.23 8.01 18.60
N ARG A 98 -2.24 8.26 19.42
N ARG A 98 -2.22 8.33 19.41
CA ARG A 98 -3.57 7.69 19.19
CA ARG A 98 -3.55 7.77 19.29
C ARG A 98 -4.26 8.31 17.98
C ARG A 98 -4.31 8.38 18.10
N THR A 99 -3.82 9.49 17.55
CA THR A 99 -4.47 10.14 16.42
C THR A 99 -4.16 9.36 15.14
N ASP A 100 -5.19 9.12 14.33
CA ASP A 100 -5.00 8.51 13.00
C ASP A 100 -3.86 9.16 12.25
N LYS A 101 -3.00 8.34 11.67
CA LYS A 101 -1.92 8.81 10.83
C LYS A 101 -1.91 7.98 9.55
N PRO A 102 -1.83 8.62 8.39
CA PRO A 102 -1.76 7.85 7.14
C PRO A 102 -0.60 6.88 7.13
N TRP A 103 -0.78 5.78 6.40
CA TRP A 103 0.33 4.89 6.09
C TRP A 103 1.00 5.46 4.82
N PRO A 104 2.27 5.88 4.91
CA PRO A 104 2.86 6.70 3.85
C PRO A 104 3.44 5.89 2.69
N VAL A 105 2.55 5.23 1.96
CA VAL A 105 2.90 4.36 0.86
C VAL A 105 2.24 4.88 -0.41
N ALA A 106 3.01 4.95 -1.50
CA ALA A 106 2.44 5.27 -2.80
C ALA A 106 3.21 4.49 -3.86
N LEU A 107 2.47 3.98 -4.85
CA LEU A 107 3.07 3.31 -6.00
C LEU A 107 3.19 4.27 -7.16
N TYR A 108 4.30 4.18 -7.88
CA TYR A 108 4.58 5.00 -9.06
C TYR A 108 4.83 4.00 -10.19
N LEU A 109 3.83 3.81 -11.03
CA LEU A 109 3.78 2.71 -12.00
C LEU A 109 3.81 3.24 -13.41
N THR A 110 4.72 2.76 -14.25
CA THR A 110 4.86 3.27 -15.61
C THR A 110 4.58 2.15 -16.59
N PRO A 111 3.89 2.45 -17.69
CA PRO A 111 3.53 1.37 -18.62
C PRO A 111 4.73 0.77 -19.35
N VAL A 112 4.74 -0.54 -19.48
CA VAL A 112 5.79 -1.22 -20.22
C VAL A 112 5.59 -0.91 -21.68
N SER A 113 6.62 -1.13 -22.46
CA SER A 113 6.63 -0.61 -23.84
C SER A 113 5.52 -1.23 -24.69
N SER A 114 5.10 -2.45 -24.31
CA SER A 114 4.08 -3.19 -25.07
C SER A 114 2.63 -2.82 -24.69
N ALA A 115 2.46 -2.00 -23.65
CA ALA A 115 1.11 -1.69 -23.13
C ALA A 115 0.32 -0.78 -24.08
N GLY A 116 -0.99 -0.94 -24.10
CA GLY A 116 -1.87 -0.12 -24.93
C GLY A 116 -3.34 -0.49 -24.74
N GLY A 117 -4.25 0.47 -24.88
CA GLY A 117 -5.68 0.22 -24.62
C GLY A 117 -5.89 0.14 -23.12
N VAL A 118 -6.89 -0.64 -22.71
CA VAL A 118 -7.18 -0.81 -21.30
C VAL A 118 -6.11 -1.68 -20.68
N ALA A 119 -5.32 -1.08 -19.82
CA ALA A 119 -4.18 -1.71 -19.20
C ALA A 119 -4.46 -2.20 -17.78
N ILE A 120 -5.44 -1.60 -17.12
CA ILE A 120 -5.95 -2.06 -15.84
C ILE A 120 -7.46 -2.03 -15.93
N LYS A 121 -8.10 -3.15 -15.59
CA LYS A 121 -9.55 -3.24 -15.64
C LYS A 121 -10.22 -2.81 -14.35
N ALA A 122 -11.32 -2.07 -14.49
CA ALA A 122 -12.15 -1.70 -13.34
C ALA A 122 -12.48 -2.94 -12.52
N GLY A 123 -12.35 -2.80 -11.20
CA GLY A 123 -12.72 -3.85 -10.27
C GLY A 123 -11.63 -4.83 -9.98
N SER A 124 -10.54 -4.78 -10.73
CA SER A 124 -9.52 -5.81 -10.63
C SER A 124 -8.55 -5.58 -9.50
N LEU A 125 -8.00 -6.67 -8.97
CA LEU A 125 -6.94 -6.61 -8.00
C LEU A 125 -5.67 -6.11 -8.69
N ILE A 126 -5.03 -5.09 -8.12
CA ILE A 126 -3.78 -4.57 -8.69
C ILE A 126 -2.57 -4.81 -7.81
N ALA A 127 -2.75 -4.97 -6.49
CA ALA A 127 -1.60 -5.11 -5.61
C ALA A 127 -2.06 -5.72 -4.30
N VAL A 128 -1.10 -6.33 -3.61
CA VAL A 128 -1.28 -6.72 -2.20
C VAL A 128 -0.10 -6.15 -1.46
N LEU A 129 -0.39 -5.35 -0.43
CA LEU A 129 0.63 -4.68 0.36
C LEU A 129 0.56 -5.19 1.79
N ILE A 130 1.66 -5.69 2.32
CA ILE A 130 1.68 -6.21 3.68
C ILE A 130 2.38 -5.20 4.58
N LEU A 131 1.62 -4.69 5.54
CA LEU A 131 2.11 -3.81 6.60
C LEU A 131 2.51 -4.70 7.79
N ARG A 132 3.75 -4.60 8.24
N ARG A 132 3.76 -4.60 8.26
CA ARG A 132 4.19 -5.35 9.42
CA ARG A 132 4.21 -5.35 9.43
C ARG A 132 4.34 -4.39 10.58
C ARG A 132 4.40 -4.42 10.60
N GLN A 133 3.75 -4.75 11.71
CA GLN A 133 3.77 -3.94 12.92
C GLN A 133 4.40 -4.71 14.07
N THR A 134 5.38 -4.06 14.68
CA THR A 134 6.04 -4.49 15.90
C THR A 134 6.05 -3.32 16.88
N ASN A 135 6.74 -3.47 18.02
CA ASN A 135 6.80 -2.40 19.00
C ASN A 135 8.06 -2.56 19.86
N ASN A 136 8.22 -1.65 20.82
CA ASN A 136 9.32 -1.71 21.77
C ASN A 136 8.92 -2.21 23.14
N TYR A 137 7.83 -2.95 23.20
CA TYR A 137 7.18 -3.30 24.45
C TYR A 137 7.10 -4.80 24.69
N ASN A 138 6.68 -5.56 23.68
CA ASN A 138 6.51 -7.00 23.73
C ASN A 138 6.98 -7.62 22.42
N SER A 139 6.63 -8.86 22.16
N SER A 139 6.58 -8.86 22.17
CA SER A 139 7.12 -9.52 20.96
CA SER A 139 7.05 -9.59 20.99
C SER A 139 6.07 -9.56 19.83
C SER A 139 5.98 -9.65 19.89
N ASP A 140 5.01 -8.75 19.93
CA ASP A 140 4.02 -8.72 18.85
C ASP A 140 4.69 -8.46 17.51
N ASP A 141 4.21 -9.19 16.52
CA ASP A 141 4.69 -9.06 15.13
C ASP A 141 3.53 -9.43 14.22
N PHE A 142 2.80 -8.42 13.80
CA PHE A 142 1.52 -8.62 13.16
C PHE A 142 1.53 -8.13 11.72
N GLN A 143 0.79 -8.82 10.85
N GLN A 143 0.77 -8.82 10.87
CA GLN A 143 0.61 -8.45 9.45
CA GLN A 143 0.60 -8.48 9.45
C GLN A 143 -0.79 -7.91 9.23
C GLN A 143 -0.79 -7.93 9.18
N PHE A 144 -0.81 -6.75 8.60
CA PHE A 144 -2.04 -6.08 8.16
C PHE A 144 -1.95 -6.12 6.65
N VAL A 145 -2.81 -6.93 6.03
CA VAL A 145 -2.70 -7.25 4.60
C VAL A 145 -3.75 -6.46 3.84
N TRP A 146 -3.29 -5.65 2.90
CA TRP A 146 -4.15 -4.73 2.17
C TRP A 146 -4.25 -5.16 0.72
N ASN A 147 -5.45 -5.55 0.31
CA ASN A 147 -5.73 -6.00 -1.05
C ASN A 147 -6.24 -4.78 -1.81
N ILE A 148 -5.49 -4.34 -2.80
CA ILE A 148 -5.78 -3.08 -3.49
C ILE A 148 -6.45 -3.36 -4.81
N TYR A 149 -7.64 -2.80 -4.99
CA TYR A 149 -8.46 -2.93 -6.18
C TYR A 149 -8.63 -1.62 -6.92
N ALA A 150 -8.59 -1.70 -8.24
CA ALA A 150 -8.87 -0.54 -9.08
C ALA A 150 -10.37 -0.27 -9.13
N ASN A 151 -10.80 0.98 -8.93
CA ASN A 151 -12.21 1.30 -9.11
C ASN A 151 -12.60 1.53 -10.55
N ASN A 152 -11.64 1.75 -11.43
CA ASN A 152 -11.93 2.18 -12.79
C ASN A 152 -10.84 1.65 -13.71
N ASP A 153 -11.16 1.62 -15.00
CA ASP A 153 -10.21 1.29 -16.04
C ASP A 153 -9.11 2.34 -16.10
N VAL A 154 -7.92 1.90 -16.45
CA VAL A 154 -6.82 2.78 -16.82
C VAL A 154 -6.41 2.45 -18.24
N VAL A 155 -6.35 3.47 -19.10
CA VAL A 155 -5.99 3.33 -20.49
C VAL A 155 -4.61 3.92 -20.73
N VAL A 156 -3.82 3.20 -21.52
CA VAL A 156 -2.52 3.67 -22.01
C VAL A 156 -2.67 3.94 -23.51
N PRO A 157 -2.60 5.21 -23.93
CA PRO A 157 -2.81 5.50 -25.34
C PRO A 157 -1.75 4.88 -26.22
N THR A 158 -2.16 4.57 -27.43
CA THR A 158 -1.27 4.04 -28.43
C THR A 158 -0.52 5.24 -29.00
O3 3XN B . 0.86 -4.67 19.26
C4 3XN B . 0.06 -1.57 21.23
C5 3XN B . 0.24 -0.09 21.01
O4 3XN B . -1.81 -3.76 19.27
C6 3XN B . -1.32 -2.99 23.96
N1 3XN B . 1.63 0.19 31.95
C7 3XN B . -2.28 -2.05 24.11
C8 3XN B . -2.47 -1.50 25.40
C9 3XN B . -1.68 -1.93 26.47
O5 3XN B . -1.09 -3.62 22.75
C10 3XN B . -0.71 -2.89 26.27
O6 3XN B . 2.82 0.32 31.70
C11 3XN B . -0.54 -3.42 25.02
C12 3XN B . -3.09 -0.99 28.31
C13 3XN B . -2.88 -0.51 29.61
O7 3XN B . 1.13 0.41 33.04
C14 3XN B . -1.44 -0.56 29.86
C15 3XN B . -0.83 -1.11 28.68
C18 3XN B . 0.75 -0.28 30.82
C19 3XN B . -0.64 -0.14 30.94
C17 3XN B . 1.37 -0.82 29.66
C16 3XN B . 0.60 -1.23 28.60
N 3XN B . -1.85 -1.36 27.77
C 3XN B . -1.63 -3.14 21.56
O 3XN B . -1.35 -1.81 21.28
O1 3XN B . -0.34 0.33 19.77
C3 3XN B . 0.69 -2.42 20.12
O2 3XN B . 2.10 -2.28 20.14
C2 3XN B . 0.36 -3.89 20.34
C1 3XN B . -1.14 -4.08 20.49
HO3 3XN B . 0.96 -5.59 19.58
H4 3XN B . 0.50 -1.84 22.18
H52 3XN B . -0.13 0.48 21.87
H51 3XN B . 1.29 0.16 20.90
HO4 3XN B . -1.34 -4.28 18.56
H7 3XN B . -2.89 -1.71 23.27
H8 3XN B . -3.23 -0.74 25.55
H10 3XN B . -0.09 -3.24 27.09
H11 3XN B . 0.21 -4.20 24.88
H12 3XN B . -4.03 -1.08 27.76
H13 3XN B . -3.63 -0.15 30.31
H19 3XN B . -1.12 0.26 31.84
H17 3XN B . 2.45 -0.89 29.60
H16 3XN B . 1.06 -1.66 27.70
H 3XN B . -2.71 -3.23 21.62
HO1 3XN B . 0.35 0.24 19.07
H3 3XN B . 0.40 -2.10 19.13
HO2 3XN B . 2.37 -1.65 19.42
H2 3XN B . 0.85 -4.25 21.25
H1 3XN B . -1.37 -5.11 20.78
#